data_5IQK
#
_entry.id   5IQK
#
_cell.length_a   45.880
_cell.length_b   74.450
_cell.length_c   77.460
_cell.angle_alpha   90.00
_cell.angle_beta   99.48
_cell.angle_gamma   90.00
#
_symmetry.space_group_name_H-M   'P 1 21 1'
#
loop_
_entity.id
_entity.type
_entity.pdbx_description
1 polymer 'beta-lactamase Rm3'
2 non-polymer 'ZINC ION'
3 water water
#
_entity_poly.entity_id   1
_entity_poly.type   'polypeptide(L)'
_entity_poly.pdbx_seq_one_letter_code
;TPGCEVCATWNADQAPFRLFGNTYYVGMKGLSSVLVTSPQGHVLIDGGLPESAPKIIANIGALGFRIEDVKLILNSHGHI
DHAGGLAELQRRSNALVAASPSAALDLASGEVGPDDPQYHALPKYPPVKDMRLARDGGQFNVGPVYLTAHATPGHTPGGL
SWTWQSCDGPRCLNMVYADSINAVSRPGFKFSASSEYPNALADLRHSFETLEKLPCDVLISAHPEASQLWQRLEASATGG
SDAFVDPQACRAYVAAARTLLDSRLDQEKQQ
;
_entity_poly.pdbx_strand_id   A,B
#
loop_
_chem_comp.id
_chem_comp.type
_chem_comp.name
_chem_comp.formula
ZN non-polymer 'ZINC ION' 'Zn 2'
#
# COMPACT_ATOMS: atom_id res chain seq x y z
N PRO A 2 1.74 8.56 -18.09
CA PRO A 2 2.25 7.77 -16.96
C PRO A 2 1.95 8.43 -15.61
N GLY A 3 0.92 9.26 -15.59
CA GLY A 3 0.52 9.94 -14.37
C GLY A 3 -0.02 9.07 -13.25
N CYS A 4 0.49 9.32 -12.05
CA CYS A 4 -0.06 8.75 -10.84
C CYS A 4 -1.20 9.63 -10.33
N GLU A 5 -2.42 9.09 -10.35
CA GLU A 5 -3.60 9.89 -10.00
C GLU A 5 -3.61 10.26 -8.52
N VAL A 6 -3.03 9.41 -7.67
CA VAL A 6 -2.96 9.72 -6.25
C VAL A 6 -2.01 10.88 -6.00
N CYS A 7 -0.80 10.81 -6.54
CA CYS A 7 0.15 11.91 -6.36
C CYS A 7 -0.37 13.20 -7.00
N ALA A 8 -1.02 13.09 -8.16
CA ALA A 8 -1.57 14.26 -8.85
C ALA A 8 -2.64 14.95 -8.00
N THR A 9 -3.50 14.14 -7.37
CA THR A 9 -4.52 14.67 -6.48
C THR A 9 -3.92 15.32 -5.24
N TRP A 10 -3.00 14.62 -4.59
CA TRP A 10 -2.36 15.15 -3.39
C TRP A 10 -1.63 16.47 -3.65
N ASN A 11 -1.01 16.59 -4.83
CA ASN A 11 -0.18 17.76 -5.13
C ASN A 11 -0.92 18.91 -5.81
N ALA A 12 -2.24 18.79 -5.95
CA ALA A 12 -3.02 19.82 -6.64
C ALA A 12 -2.89 21.19 -5.98
N ASP A 13 -2.92 22.24 -6.79
CA ASP A 13 -2.82 23.61 -6.32
C ASP A 13 -3.79 23.92 -5.19
N GLN A 14 -3.28 24.64 -4.20
CA GLN A 14 -4.13 25.28 -3.20
C GLN A 14 -3.61 26.69 -3.00
N ALA A 15 -4.48 27.67 -3.17
CA ALA A 15 -4.10 29.05 -2.86
C ALA A 15 -3.78 29.19 -1.37
N PRO A 16 -2.63 29.83 -1.03
CA PRO A 16 -2.23 29.94 0.37
C PRO A 16 -3.11 30.92 1.17
N PHE A 17 -3.17 30.76 2.48
CA PHE A 17 -4.03 31.59 3.33
C PHE A 17 -3.54 31.64 4.78
N ARG A 18 -3.98 32.64 5.50
CA ARG A 18 -3.65 32.75 6.88
C ARG A 18 -4.55 31.91 7.72
N LEU A 19 -3.98 31.24 8.69
CA LEU A 19 -4.76 30.42 9.61
C LEU A 19 -5.12 31.21 10.85
N PHE A 20 -4.10 31.61 11.58
CA PHE A 20 -4.25 32.47 12.75
C PHE A 20 -2.94 33.17 13.03
N GLY A 21 -3.00 34.49 13.19
CA GLY A 21 -1.83 35.29 13.51
C GLY A 21 -0.70 35.12 12.51
N ASN A 22 0.44 34.66 12.99
CA ASN A 22 1.61 34.51 12.15
C ASN A 22 1.74 33.10 11.53
N THR A 23 0.65 32.33 11.60
CA THR A 23 0.64 30.97 11.04
C THR A 23 -0.13 30.92 9.72
N TYR A 24 0.52 30.45 8.66
CA TYR A 24 -0.11 30.43 7.32
C TYR A 24 -0.06 29.03 6.71
N TYR A 25 -1.04 28.71 5.88
CA TYR A 25 -1.01 27.48 5.07
C TYR A 25 -0.38 27.74 3.69
N VAL A 26 0.64 26.95 3.33
CA VAL A 26 1.32 27.14 2.05
C VAL A 26 1.45 25.82 1.28
N GLY A 27 0.62 24.84 1.66
CA GLY A 27 0.67 23.52 1.06
C GLY A 27 -0.22 23.33 -0.17
N MET A 28 -0.61 22.08 -0.39
CA MET A 28 -1.35 21.66 -1.58
C MET A 28 -2.72 21.11 -1.16
N LYS A 29 -3.51 20.63 -2.11
CA LYS A 29 -4.84 20.14 -1.79
C LYS A 29 -4.82 18.90 -0.89
N GLY A 30 -3.78 18.08 -1.00
CA GLY A 30 -3.76 16.82 -0.26
C GLY A 30 -2.57 16.63 0.65
N LEU A 31 -1.70 17.64 0.73
CA LEU A 31 -0.46 17.58 1.53
C LEU A 31 -0.20 18.93 2.20
N SER A 32 -0.07 18.96 3.52
CA SER A 32 0.06 20.23 4.22
C SER A 32 1.50 20.73 4.23
N SER A 33 1.62 22.05 4.22
CA SER A 33 2.86 22.73 4.53
C SER A 33 2.45 24.02 5.25
N VAL A 34 3.14 24.38 6.32
CA VAL A 34 2.72 25.49 7.15
C VAL A 34 3.88 26.45 7.39
N LEU A 35 3.61 27.74 7.25
CA LEU A 35 4.60 28.80 7.47
C LEU A 35 4.27 29.58 8.73
N VAL A 36 5.25 29.69 9.63
CA VAL A 36 5.09 30.43 10.86
C VAL A 36 6.13 31.55 10.86
N THR A 37 5.67 32.79 10.80
CA THR A 37 6.54 33.92 10.45
C THR A 37 6.97 34.78 11.63
N SER A 38 8.07 35.50 11.43
CA SER A 38 8.50 36.52 12.38
C SER A 38 9.41 37.50 11.65
N PRO A 39 9.68 38.67 12.26
CA PRO A 39 10.58 39.62 11.60
C PRO A 39 12.04 39.15 11.61
N GLN A 40 12.32 38.10 12.38
CA GLN A 40 13.64 37.52 12.46
C GLN A 40 13.78 36.27 11.57
N GLY A 41 12.77 36.02 10.75
CA GLY A 41 12.78 34.87 9.85
C GLY A 41 11.68 33.90 10.19
N HIS A 42 11.48 32.90 9.33
CA HIS A 42 10.33 32.02 9.47
C HIS A 42 10.66 30.53 9.67
N VAL A 43 9.64 29.83 10.12
CA VAL A 43 9.68 28.38 10.25
C VAL A 43 8.73 27.79 9.22
N LEU A 44 9.19 26.74 8.53
CA LEU A 44 8.38 26.05 7.53
C LEU A 44 8.22 24.61 7.97
N ILE A 45 6.98 24.13 7.94
CA ILE A 45 6.70 22.76 8.35
C ILE A 45 6.28 21.92 7.15
N ASP A 46 7.09 20.89 6.89
CA ASP A 46 6.92 19.88 5.84
C ASP A 46 7.13 20.42 4.43
N GLY A 47 7.46 19.51 3.52
CA GLY A 47 7.93 19.86 2.20
C GLY A 47 7.21 19.19 1.04
N GLY A 48 6.19 18.39 1.35
CA GLY A 48 5.39 17.73 0.33
C GLY A 48 6.20 16.75 -0.49
N LEU A 49 5.68 16.40 -1.66
CA LEU A 49 6.38 15.58 -2.65
C LEU A 49 7.52 16.39 -3.25
N PRO A 50 8.46 15.72 -3.96
CA PRO A 50 9.50 16.49 -4.64
C PRO A 50 8.93 17.57 -5.52
N GLU A 51 7.83 17.26 -6.21
CA GLU A 51 7.19 18.23 -7.09
C GLU A 51 6.32 19.23 -6.32
N SER A 52 6.28 19.11 -5.00
CA SER A 52 5.58 20.09 -4.18
C SER A 52 6.42 21.32 -3.87
N ALA A 53 7.74 21.15 -3.86
CA ALA A 53 8.63 22.22 -3.44
C ALA A 53 8.43 23.53 -4.22
N PRO A 54 8.33 23.48 -5.57
CA PRO A 54 8.09 24.76 -6.25
C PRO A 54 6.74 25.39 -5.92
N LYS A 55 5.76 24.57 -5.60
CA LYS A 55 4.44 25.07 -5.27
C LYS A 55 4.46 25.74 -3.92
N ILE A 56 5.13 25.10 -2.95
CA ILE A 56 5.27 25.69 -1.63
C ILE A 56 5.99 27.03 -1.68
N ILE A 57 7.10 27.08 -2.43
CA ILE A 57 7.87 28.31 -2.61
C ILE A 57 7.03 29.41 -3.25
N ALA A 58 6.27 29.04 -4.29
CA ALA A 58 5.39 30.00 -4.97
C ALA A 58 4.34 30.52 -4.00
N ASN A 59 3.82 29.62 -3.16
CA ASN A 59 2.81 29.97 -2.17
C ASN A 59 3.35 30.90 -1.07
N ILE A 60 4.59 30.68 -0.65
CA ILE A 60 5.21 31.56 0.33
C ILE A 60 5.29 32.98 -0.25
N GLY A 61 5.71 33.08 -1.50
CA GLY A 61 5.80 34.35 -2.19
C GLY A 61 4.46 35.06 -2.37
N ALA A 62 3.43 34.28 -2.69
CA ALA A 62 2.10 34.82 -2.95
C ALA A 62 1.55 35.50 -1.70
N LEU A 63 1.98 35.01 -0.54
CA LEU A 63 1.60 35.59 0.74
C LEU A 63 2.37 36.87 1.05
N GLY A 64 3.43 37.11 0.28
CA GLY A 64 4.29 38.26 0.51
C GLY A 64 5.52 37.95 1.35
N PHE A 65 5.87 36.67 1.47
CA PHE A 65 7.09 36.28 2.17
C PHE A 65 8.11 35.67 1.21
N ARG A 66 9.28 35.31 1.73
CA ARG A 66 10.35 34.78 0.90
C ARG A 66 10.94 33.49 1.46
N ILE A 67 11.24 32.54 0.59
CA ILE A 67 11.86 31.28 0.99
C ILE A 67 13.23 31.58 1.60
N GLU A 68 13.84 32.69 1.15
CA GLU A 68 15.15 33.08 1.63
C GLU A 68 15.11 33.46 3.11
N ASP A 69 13.92 33.74 3.63
CA ASP A 69 13.77 34.16 5.02
C ASP A 69 13.38 33.00 5.93
N VAL A 70 13.18 31.83 5.35
CA VAL A 70 12.96 30.63 6.15
C VAL A 70 14.25 30.21 6.82
N LYS A 71 14.27 30.13 8.13
CA LYS A 71 15.51 29.82 8.83
C LYS A 71 15.50 28.45 9.49
N LEU A 72 14.33 27.83 9.54
CA LEU A 72 14.21 26.47 10.08
C LEU A 72 13.09 25.74 9.37
N ILE A 73 13.36 24.50 8.96
CA ILE A 73 12.37 23.65 8.32
C ILE A 73 12.14 22.42 9.20
N LEU A 74 10.87 22.12 9.50
CA LEU A 74 10.53 20.98 10.35
C LEU A 74 9.88 19.87 9.53
N ASN A 75 10.14 18.63 9.94
CA ASN A 75 9.57 17.47 9.29
C ASN A 75 8.59 16.75 10.21
N SER A 76 7.54 16.16 9.63
CA SER A 76 6.62 15.33 10.39
C SER A 76 7.10 13.87 10.33
N HIS A 77 7.13 13.29 9.13
CA HIS A 77 7.74 11.96 8.98
C HIS A 77 8.39 11.78 7.60
N GLY A 78 9.11 10.66 7.45
CA GLY A 78 10.04 10.48 6.35
C GLY A 78 9.50 9.98 5.02
N HIS A 79 8.18 9.80 4.93
CA HIS A 79 7.61 9.41 3.64
C HIS A 79 7.80 10.47 2.59
N ILE A 80 7.91 10.03 1.34
CA ILE A 80 8.18 10.92 0.22
C ILE A 80 7.16 12.06 0.07
N ASP A 81 5.93 11.86 0.50
CA ASP A 81 4.92 12.91 0.31
C ASP A 81 4.99 14.01 1.36
N HIS A 82 5.94 13.92 2.31
CA HIS A 82 6.18 14.98 3.29
C HIS A 82 7.64 15.44 3.25
N ALA A 83 8.52 14.53 2.86
CA ALA A 83 9.95 14.79 2.90
C ALA A 83 10.57 14.99 1.52
N GLY A 84 9.83 14.63 0.47
CA GLY A 84 10.34 14.69 -0.89
C GLY A 84 10.76 16.07 -1.37
N GLY A 85 10.07 17.10 -0.90
CA GLY A 85 10.38 18.45 -1.33
C GLY A 85 11.44 19.13 -0.46
N LEU A 86 11.89 18.43 0.58
CA LEU A 86 12.77 19.05 1.57
C LEU A 86 14.14 19.47 1.04
N ALA A 87 14.76 18.66 0.20
CA ALA A 87 16.08 19.02 -0.34
C ALA A 87 16.05 20.36 -1.09
N GLU A 88 15.01 20.57 -1.87
CA GLU A 88 14.90 21.82 -2.65
C GLU A 88 14.62 23.01 -1.75
N LEU A 89 13.74 22.83 -0.77
CA LEU A 89 13.41 23.90 0.16
C LEU A 89 14.65 24.30 0.96
N GLN A 90 15.44 23.30 1.36
CA GLN A 90 16.70 23.58 2.05
C GLN A 90 17.68 24.36 1.18
N ARG A 91 17.84 23.93 -0.08
CA ARG A 91 18.75 24.61 -0.97
C ARG A 91 18.35 26.07 -1.19
N ARG A 92 17.05 26.32 -1.28
CA ARG A 92 16.57 27.67 -1.59
C ARG A 92 16.57 28.59 -0.36
N SER A 93 16.55 28.00 0.83
CA SER A 93 16.51 28.78 2.06
C SER A 93 17.83 28.77 2.82
N ASN A 94 18.62 27.72 2.59
CA ASN A 94 19.83 27.45 3.34
C ASN A 94 19.50 27.20 4.81
N ALA A 95 18.29 26.74 5.08
CA ALA A 95 17.83 26.44 6.42
C ALA A 95 18.18 25.02 6.84
N LEU A 96 18.40 24.82 8.13
CA LEU A 96 18.52 23.46 8.66
C LEU A 96 17.17 22.78 8.71
N VAL A 97 17.17 21.45 8.60
CA VAL A 97 15.95 20.66 8.71
C VAL A 97 15.94 19.87 10.02
N ALA A 98 14.87 19.97 10.78
CA ALA A 98 14.75 19.19 12.01
C ALA A 98 13.80 18.02 11.82
N ALA A 99 14.23 16.84 12.24
CA ALA A 99 13.44 15.62 12.11
C ALA A 99 13.79 14.68 13.23
N SER A 100 12.93 13.70 13.49
CA SER A 100 13.22 12.70 14.51
C SER A 100 14.45 11.88 14.12
N PRO A 101 15.10 11.24 15.11
CA PRO A 101 16.23 10.38 14.80
C PRO A 101 15.86 9.34 13.74
N SER A 102 14.68 8.76 13.85
CA SER A 102 14.26 7.74 12.88
C SER A 102 13.95 8.36 11.50
N ALA A 103 13.17 9.44 11.46
CA ALA A 103 12.86 10.09 10.18
C ALA A 103 14.13 10.60 9.51
N ALA A 104 15.08 11.08 10.31
CA ALA A 104 16.32 11.65 9.76
C ALA A 104 17.11 10.62 8.98
N LEU A 105 17.00 9.37 9.38
CA LEU A 105 17.62 8.30 8.64
C LEU A 105 17.01 8.18 7.25
N ASP A 106 15.69 8.28 7.17
CA ASP A 106 15.01 8.27 5.87
C ASP A 106 15.45 9.48 5.02
N LEU A 107 15.42 10.67 5.63
CA LEU A 107 15.75 11.89 4.92
C LEU A 107 17.16 11.87 4.35
N ALA A 108 18.10 11.33 5.14
CA ALA A 108 19.50 11.32 4.75
C ALA A 108 19.77 10.41 3.55
N SER A 109 18.97 9.36 3.37
CA SER A 109 19.19 8.43 2.28
C SER A 109 18.16 8.61 1.17
N GLY A 110 17.12 9.37 1.46
CA GLY A 110 16.05 9.59 0.50
C GLY A 110 15.18 8.35 0.33
N GLU A 111 15.18 7.46 1.32
CA GLU A 111 14.33 6.28 1.27
C GLU A 111 14.16 5.66 2.66
N VAL A 112 13.03 5.00 2.86
CA VAL A 112 12.73 4.49 4.19
C VAL A 112 13.39 3.14 4.41
N GLY A 113 13.50 2.76 5.68
CA GLY A 113 14.12 1.51 6.06
C GLY A 113 13.11 0.41 6.27
N PRO A 114 13.60 -0.78 6.60
CA PRO A 114 12.79 -2.01 6.68
C PRO A 114 11.69 -1.93 7.74
N ASP A 115 11.80 -1.03 8.72
CA ASP A 115 10.77 -0.89 9.73
C ASP A 115 9.59 -0.02 9.29
N ASP A 116 9.64 0.53 8.09
CA ASP A 116 8.54 1.36 7.63
C ASP A 116 7.42 0.50 7.07
N PRO A 117 6.18 0.81 7.43
CA PRO A 117 5.05 0.04 6.87
C PRO A 117 4.99 0.11 5.35
N GLN A 118 5.64 1.12 4.74
CA GLN A 118 5.66 1.22 3.29
C GLN A 118 7.05 1.05 2.67
N TYR A 119 7.93 0.35 3.40
CA TYR A 119 9.23 -0.04 2.86
C TYR A 119 9.04 -0.83 1.57
N HIS A 120 9.88 -0.59 0.55
CA HIS A 120 9.81 -1.34 -0.71
C HIS A 120 8.61 -0.93 -1.56
N ALA A 121 7.84 0.07 -1.11
CA ALA A 121 6.60 0.42 -1.78
C ALA A 121 6.48 1.93 -2.04
N LEU A 122 7.60 2.64 -1.93
CA LEU A 122 7.64 4.08 -2.25
C LEU A 122 8.90 4.39 -3.05
N PRO A 123 8.84 5.42 -3.91
CA PRO A 123 10.04 5.79 -4.68
C PRO A 123 11.10 6.45 -3.81
N LYS A 124 12.35 6.42 -4.26
CA LYS A 124 13.40 7.20 -3.60
C LYS A 124 13.13 8.69 -3.85
N TYR A 125 13.64 9.56 -2.97
CA TYR A 125 13.51 11.00 -3.17
C TYR A 125 14.85 11.71 -2.86
N PRO A 126 14.98 13.01 -3.20
CA PRO A 126 16.26 13.68 -2.98
C PRO A 126 16.71 13.70 -1.52
N PRO A 127 17.93 13.20 -1.25
CA PRO A 127 18.43 13.15 0.13
C PRO A 127 18.59 14.55 0.74
N VAL A 128 18.30 14.68 2.03
CA VAL A 128 18.46 15.95 2.71
C VAL A 128 19.85 15.97 3.33
N LYS A 129 20.58 17.03 3.02
CA LYS A 129 22.01 17.13 3.31
C LYS A 129 22.29 17.45 4.79
N ASP A 130 21.64 18.47 5.32
CA ASP A 130 21.99 18.99 6.65
C ASP A 130 20.80 18.98 7.60
N MET A 131 20.97 18.32 8.74
CA MET A 131 19.84 18.10 9.64
C MET A 131 20.14 18.26 11.13
N ARG A 132 19.09 18.53 11.90
CA ARG A 132 19.18 18.54 13.36
C ARG A 132 18.17 17.56 13.93
N LEU A 133 18.58 16.76 14.90
CA LEU A 133 17.65 15.76 15.43
C LEU A 133 16.66 16.39 16.40
N ALA A 134 15.39 16.07 16.21
CA ALA A 134 14.32 16.54 17.08
C ALA A 134 13.78 15.38 17.92
N ARG A 135 14.03 15.43 19.23
CA ARG A 135 13.56 14.37 20.12
C ARG A 135 12.29 14.85 20.80
N ASP A 136 11.57 13.92 21.41
CA ASP A 136 10.34 14.24 22.13
C ASP A 136 10.57 15.33 23.18
N GLY A 137 9.76 16.38 23.11
CA GLY A 137 9.87 17.49 24.04
C GLY A 137 10.92 18.50 23.66
N GLY A 138 11.59 18.29 22.51
CA GLY A 138 12.62 19.18 22.05
C GLY A 138 12.03 20.52 21.65
N GLN A 139 12.69 21.61 22.07
CA GLN A 139 12.25 22.97 21.76
C GLN A 139 13.15 23.58 20.70
N PHE A 140 12.54 24.20 19.70
CA PHE A 140 13.29 24.87 18.63
C PHE A 140 12.74 26.28 18.50
N ASN A 141 13.57 27.20 18.04
CA ASN A 141 13.10 28.56 17.83
C ASN A 141 13.77 29.26 16.67
N VAL A 142 13.03 30.22 16.11
CA VAL A 142 13.57 31.21 15.21
C VAL A 142 13.06 32.52 15.76
N GLY A 143 13.94 33.28 16.41
CA GLY A 143 13.52 34.48 17.10
C GLY A 143 12.48 34.17 18.16
N PRO A 144 11.32 34.83 18.07
CA PRO A 144 10.26 34.72 19.09
C PRO A 144 9.33 33.53 18.94
N VAL A 145 9.37 32.82 17.82
CA VAL A 145 8.50 31.65 17.66
C VAL A 145 9.20 30.41 18.18
N TYR A 146 8.57 29.79 19.18
CA TYR A 146 9.11 28.62 19.85
C TYR A 146 8.25 27.40 19.58
N LEU A 147 8.87 26.40 18.98
CA LEU A 147 8.20 25.18 18.59
C LEU A 147 8.63 24.05 19.50
N THR A 148 7.72 23.12 19.77
CA THR A 148 8.04 21.95 20.58
C THR A 148 7.66 20.70 19.82
N ALA A 149 8.59 19.75 19.78
CA ALA A 149 8.38 18.48 19.11
C ALA A 149 7.73 17.46 20.04
N HIS A 150 6.81 16.68 19.50
CA HIS A 150 6.18 15.61 20.26
C HIS A 150 6.28 14.33 19.46
N ALA A 151 6.95 13.33 20.01
CA ALA A 151 7.07 12.05 19.30
C ALA A 151 5.70 11.42 19.11
N THR A 152 5.30 11.20 17.85
CA THR A 152 4.03 10.54 17.55
C THR A 152 4.16 9.48 16.44
N PRO A 153 4.92 8.44 16.72
CA PRO A 153 5.11 7.35 15.76
C PRO A 153 3.89 6.42 15.63
N GLY A 154 3.96 5.48 14.71
CA GLY A 154 2.91 4.50 14.50
C GLY A 154 2.64 4.33 13.02
N HIS A 155 2.28 5.42 12.35
CA HIS A 155 2.16 5.42 10.89
C HIS A 155 3.56 5.19 10.30
N THR A 156 4.58 5.74 10.96
CA THR A 156 5.99 5.39 10.73
C THR A 156 6.68 5.36 12.10
N PRO A 157 7.84 4.71 12.20
CA PRO A 157 8.53 4.69 13.49
C PRO A 157 9.02 6.05 13.91
N GLY A 158 9.09 6.99 12.96
CA GLY A 158 9.70 8.29 13.24
C GLY A 158 8.78 9.49 13.30
N GLY A 159 7.47 9.25 13.37
CA GLY A 159 6.50 10.32 13.33
C GLY A 159 6.69 11.39 14.39
N LEU A 160 6.57 12.65 13.96
CA LEU A 160 6.68 13.78 14.86
C LEU A 160 5.52 14.77 14.69
N SER A 161 4.97 15.27 15.78
CA SER A 161 4.00 16.36 15.71
C SER A 161 4.59 17.60 16.39
N TRP A 162 4.08 18.78 16.06
CA TRP A 162 4.66 20.04 16.49
C TRP A 162 3.62 20.97 17.10
N THR A 163 3.98 21.65 18.18
CA THR A 163 3.09 22.66 18.77
C THR A 163 3.81 23.98 18.95
N TRP A 164 3.02 25.04 18.90
CA TRP A 164 3.51 26.39 19.13
C TRP A 164 2.32 27.28 19.42
N GLN A 165 2.58 28.53 19.78
CA GLN A 165 1.50 29.50 19.96
C GLN A 165 1.57 30.58 18.90
N SER A 166 0.40 31.04 18.47
CA SER A 166 0.30 32.17 17.57
C SER A 166 -0.68 33.16 18.17
N CYS A 167 -0.35 34.44 18.07
CA CYS A 167 -1.15 35.51 18.66
C CYS A 167 -1.66 36.50 17.62
N ASP A 168 -2.84 37.02 17.86
CA ASP A 168 -3.40 38.06 17.00
C ASP A 168 -3.64 39.21 17.97
N GLY A 169 -2.54 39.71 18.50
CA GLY A 169 -2.47 40.79 19.45
C GLY A 169 -2.46 40.25 20.87
N PRO A 170 -3.50 40.55 21.65
CA PRO A 170 -3.56 40.03 23.03
C PRO A 170 -4.01 38.57 23.13
N ARG A 171 -4.70 38.04 22.12
CA ARG A 171 -5.20 36.67 22.21
C ARG A 171 -4.21 35.68 21.60
N CYS A 172 -3.79 34.69 22.39
CA CYS A 172 -2.94 33.61 21.92
C CYS A 172 -3.71 32.31 21.75
N LEU A 173 -3.39 31.56 20.70
CA LEU A 173 -4.00 30.27 20.53
C LEU A 173 -2.92 29.20 20.44
N ASN A 174 -3.28 27.99 20.87
CA ASN A 174 -2.38 26.84 20.74
C ASN A 174 -2.52 26.18 19.38
N MET A 175 -1.41 26.15 18.64
CA MET A 175 -1.40 25.58 17.30
C MET A 175 -0.82 24.19 17.35
N VAL A 176 -1.37 23.31 16.54
CA VAL A 176 -0.91 21.93 16.48
C VAL A 176 -0.77 21.50 15.03
N TYR A 177 0.41 21.00 14.67
CA TYR A 177 0.61 20.32 13.40
C TYR A 177 0.71 18.85 13.74
N ALA A 178 -0.33 18.07 13.43
CA ALA A 178 -0.37 16.67 13.81
C ALA A 178 0.10 15.79 12.68
N ASP A 179 1.05 14.91 12.99
CA ASP A 179 1.51 13.96 12.01
C ASP A 179 0.40 12.96 11.68
N SER A 180 0.53 12.31 10.53
CA SER A 180 -0.29 11.15 10.21
C SER A 180 -0.21 10.11 11.32
N ILE A 181 -1.36 9.58 11.73
CA ILE A 181 -1.41 8.47 12.67
C ILE A 181 -2.35 7.39 12.16
N ASN A 182 -2.52 7.34 10.83
CA ASN A 182 -3.39 6.34 10.24
C ASN A 182 -2.62 5.05 9.95
N ALA A 183 -3.20 3.94 10.40
CA ALA A 183 -2.61 2.61 10.21
C ALA A 183 -2.85 2.10 8.78
N VAL A 184 -2.07 2.64 7.85
CA VAL A 184 -2.08 2.20 6.46
C VAL A 184 -0.66 1.78 6.12
N SER A 185 -0.51 0.92 5.11
CA SER A 185 0.77 0.31 4.78
C SER A 185 0.78 -0.24 3.36
N ARG A 186 1.90 -0.81 2.94
CA ARG A 186 1.86 -1.65 1.77
C ARG A 186 1.03 -2.89 2.09
N PRO A 187 0.38 -3.48 1.07
CA PRO A 187 -0.35 -4.72 1.34
C PRO A 187 0.56 -5.79 1.90
N GLY A 188 0.06 -6.54 2.86
CA GLY A 188 0.85 -7.62 3.44
C GLY A 188 1.54 -7.27 4.74
N PHE A 189 1.82 -5.97 4.95
CA PHE A 189 2.39 -5.51 6.22
C PHE A 189 1.36 -5.68 7.33
N LYS A 190 1.80 -6.12 8.50
CA LYS A 190 0.90 -6.31 9.63
C LYS A 190 1.35 -5.48 10.83
N PHE A 191 0.53 -4.48 11.17
CA PHE A 191 0.81 -3.66 12.35
C PHE A 191 0.87 -4.52 13.62
N SER A 192 0.11 -5.60 13.61
CA SER A 192 -0.01 -6.48 14.77
C SER A 192 1.09 -7.56 14.80
N ALA A 193 1.89 -7.65 13.74
CA ALA A 193 2.84 -8.77 13.68
C ALA A 193 4.05 -8.49 12.79
N SER A 194 4.62 -7.30 12.92
CA SER A 194 5.81 -6.96 12.14
C SER A 194 7.07 -7.33 12.89
N SER A 195 7.99 -8.07 12.25
CA SER A 195 9.24 -8.39 12.91
C SER A 195 10.21 -7.21 12.85
N GLU A 196 10.03 -6.35 11.84
CA GLU A 196 10.89 -5.17 11.67
C GLU A 196 10.39 -3.98 12.46
N TYR A 197 9.07 -3.91 12.65
CA TYR A 197 8.49 -2.80 13.42
C TYR A 197 7.59 -3.36 14.53
N PRO A 198 8.20 -4.05 15.52
CA PRO A 198 7.39 -4.73 16.53
C PRO A 198 6.69 -3.76 17.46
N ASN A 199 7.15 -2.51 17.54
CA ASN A 199 6.56 -1.56 18.47
C ASN A 199 5.42 -0.77 17.88
N ALA A 200 4.97 -1.16 16.69
CA ALA A 200 3.99 -0.38 15.96
C ALA A 200 2.72 -0.11 16.77
N LEU A 201 2.15 -1.13 17.41
CA LEU A 201 0.92 -0.95 18.19
C LEU A 201 1.15 -0.11 19.44
N ALA A 202 2.24 -0.38 20.14
CA ALA A 202 2.58 0.41 21.32
C ALA A 202 2.78 1.88 20.92
N ASP A 203 3.46 2.09 19.80
CA ASP A 203 3.64 3.45 19.27
C ASP A 203 2.31 4.16 18.97
N LEU A 204 1.43 3.50 18.22
CA LEU A 204 0.14 4.09 17.88
C LEU A 204 -0.68 4.42 19.12
N ARG A 205 -0.76 3.49 20.08
CA ARG A 205 -1.53 3.74 21.29
C ARG A 205 -0.98 4.91 22.10
N HIS A 206 0.34 5.00 22.21
CA HIS A 206 0.93 6.07 23.00
C HIS A 206 0.78 7.41 22.26
N SER A 207 0.85 7.37 20.93
CA SER A 207 0.62 8.57 20.10
C SER A 207 -0.81 9.07 20.24
N PHE A 208 -1.77 8.14 20.23
CA PHE A 208 -3.18 8.48 20.50
C PHE A 208 -3.31 9.23 21.83
N GLU A 209 -2.64 8.72 22.86
CA GLU A 209 -2.65 9.33 24.17
C GLU A 209 -2.03 10.72 24.16
N THR A 210 -0.90 10.84 23.44
CA THR A 210 -0.15 12.10 23.37
C THR A 210 -0.97 13.18 22.69
N LEU A 211 -1.50 12.85 21.53
CA LEU A 211 -2.18 13.85 20.73
C LEU A 211 -3.50 14.29 21.36
N GLU A 212 -4.22 13.35 21.99
CA GLU A 212 -5.55 13.68 22.47
C GLU A 212 -5.55 14.60 23.70
N LYS A 213 -4.41 14.74 24.37
CA LYS A 213 -4.39 15.63 25.51
C LYS A 213 -3.52 16.86 25.31
N LEU A 214 -3.05 17.09 24.08
CA LEU A 214 -2.40 18.35 23.74
C LEU A 214 -3.35 19.52 23.79
N PRO A 215 -2.90 20.66 24.36
CA PRO A 215 -3.63 21.92 24.15
C PRO A 215 -3.78 22.13 22.65
N CYS A 216 -5.01 22.37 22.19
CA CYS A 216 -5.26 22.26 20.75
C CYS A 216 -6.34 23.21 20.25
N ASP A 217 -5.99 24.47 20.02
CA ASP A 217 -6.95 25.42 19.46
C ASP A 217 -7.07 25.38 17.94
N VAL A 218 -5.95 25.35 17.24
CA VAL A 218 -5.97 25.24 15.78
C VAL A 218 -5.13 24.05 15.30
N LEU A 219 -5.83 23.11 14.67
CA LEU A 219 -5.19 21.89 14.18
C LEU A 219 -4.97 21.93 12.67
N ILE A 220 -3.75 21.60 12.26
CA ILE A 220 -3.45 21.26 10.88
C ILE A 220 -2.88 19.84 10.84
N SER A 221 -3.53 18.93 10.12
CA SER A 221 -3.01 17.57 9.98
C SER A 221 -2.13 17.46 8.72
N ALA A 222 -1.12 16.58 8.78
CA ALA A 222 -0.16 16.40 7.69
C ALA A 222 -0.88 16.16 6.36
N HIS A 223 -1.95 15.39 6.40
CA HIS A 223 -2.89 15.33 5.27
C HIS A 223 -4.10 16.18 5.65
N PRO A 224 -4.28 17.35 5.00
CA PRO A 224 -5.20 18.38 5.50
C PRO A 224 -6.65 17.93 5.63
N GLU A 225 -7.17 17.08 4.75
CA GLU A 225 -8.56 16.66 4.85
C GLU A 225 -8.82 15.86 6.13
N ALA A 226 -7.77 15.30 6.73
CA ALA A 226 -7.95 14.53 7.97
C ALA A 226 -8.30 15.47 9.15
N SER A 227 -8.18 16.77 8.94
CA SER A 227 -8.64 17.73 9.95
C SER A 227 -9.70 18.65 9.36
N GLN A 228 -10.32 18.20 8.26
CA GLN A 228 -11.41 18.94 7.61
C GLN A 228 -11.02 20.36 7.23
N LEU A 229 -9.79 20.53 6.73
CA LEU A 229 -9.28 21.88 6.50
C LEU A 229 -10.05 22.59 5.40
N TRP A 230 -10.54 21.86 4.40
CA TRP A 230 -11.22 22.54 3.29
C TRP A 230 -12.64 22.93 3.66
N GLN A 231 -13.30 22.18 4.54
CA GLN A 231 -14.58 22.62 5.08
C GLN A 231 -14.37 23.89 5.90
N ARG A 232 -13.35 23.86 6.76
CA ARG A 232 -13.00 24.98 7.63
C ARG A 232 -12.65 26.23 6.81
N LEU A 233 -11.84 26.04 5.76
CA LEU A 233 -11.50 27.15 4.86
C LEU A 233 -12.72 27.76 4.20
N GLU A 234 -13.62 26.91 3.69
CA GLU A 234 -14.86 27.42 3.10
C GLU A 234 -15.66 28.23 4.12
N ALA A 235 -15.68 27.74 5.36
CA ALA A 235 -16.40 28.44 6.41
C ALA A 235 -15.75 29.80 6.70
N SER A 236 -14.44 29.89 6.50
CA SER A 236 -13.72 31.10 6.88
C SER A 236 -14.01 32.29 5.95
N ALA A 237 -14.53 32.02 4.76
CA ALA A 237 -14.83 33.08 3.78
C ALA A 237 -15.69 34.21 4.37
N THR A 238 -16.70 33.85 5.15
CA THR A 238 -17.53 34.83 5.84
C THR A 238 -17.36 34.74 7.36
N GLY A 239 -16.79 33.61 7.81
CA GLY A 239 -16.67 33.32 9.22
C GLY A 239 -15.41 33.82 9.89
N GLY A 240 -14.37 34.11 9.11
CA GLY A 240 -13.12 34.55 9.69
C GLY A 240 -12.30 33.42 10.31
N SER A 241 -11.34 33.81 11.14
CA SER A 241 -10.41 32.85 11.73
C SER A 241 -11.09 31.89 12.71
N ASP A 242 -12.25 32.30 13.23
CA ASP A 242 -13.04 31.43 14.13
C ASP A 242 -13.28 30.08 13.48
N ALA A 243 -13.40 30.09 12.16
CA ALA A 243 -13.68 28.87 11.42
C ALA A 243 -12.59 27.82 11.58
N PHE A 244 -11.35 28.25 11.87
CA PHE A 244 -10.24 27.30 12.02
C PHE A 244 -10.04 26.87 13.46
N VAL A 245 -10.74 27.53 14.38
CA VAL A 245 -10.58 27.28 15.81
C VAL A 245 -11.58 26.27 16.34
N ASP A 246 -11.07 25.19 16.94
CA ASP A 246 -11.87 24.11 17.49
C ASP A 246 -11.04 23.35 18.52
N PRO A 247 -11.32 23.59 19.81
CA PRO A 247 -10.53 23.02 20.90
C PRO A 247 -10.66 21.51 21.01
N GLN A 248 -11.63 20.95 20.30
CA GLN A 248 -11.88 19.51 20.34
C GLN A 248 -11.22 18.77 19.18
N ALA A 249 -10.52 19.50 18.31
CA ALA A 249 -10.01 18.94 17.05
C ALA A 249 -9.02 17.78 17.23
N CYS A 250 -8.04 17.92 18.10
CA CYS A 250 -7.08 16.83 18.31
C CYS A 250 -7.76 15.59 18.89
N ARG A 251 -8.71 15.77 19.78
CA ARG A 251 -9.46 14.63 20.33
C ARG A 251 -10.25 13.89 19.24
N ALA A 252 -10.85 14.65 18.33
CA ALA A 252 -11.62 14.04 17.25
C ALA A 252 -10.69 13.34 16.25
N TYR A 253 -9.52 13.93 16.03
CA TYR A 253 -8.51 13.38 15.15
C TYR A 253 -8.05 12.02 15.66
N VAL A 254 -7.80 11.94 16.95
CA VAL A 254 -7.39 10.68 17.56
C VAL A 254 -8.53 9.66 17.53
N ALA A 255 -9.75 10.11 17.82
CA ALA A 255 -10.89 9.23 17.81
C ALA A 255 -11.05 8.54 16.45
N ALA A 256 -10.89 9.31 15.37
CA ALA A 256 -11.00 8.78 14.02
C ALA A 256 -9.90 7.77 13.69
N ALA A 257 -8.70 8.06 14.17
CA ALA A 257 -7.56 7.19 13.96
C ALA A 257 -7.71 5.89 14.75
N ARG A 258 -8.33 5.98 15.93
CA ARG A 258 -8.59 4.78 16.73
C ARG A 258 -9.55 3.86 16.01
N THR A 259 -10.58 4.47 15.44
CA THR A 259 -11.59 3.75 14.67
C THR A 259 -10.95 3.02 13.49
N LEU A 260 -10.09 3.73 12.77
CA LEU A 260 -9.37 3.15 11.65
C LEU A 260 -8.51 1.98 12.14
N LEU A 261 -7.77 2.19 13.24
CA LEU A 261 -6.93 1.10 13.76
C LEU A 261 -7.74 -0.15 14.14
N ASP A 262 -8.90 0.05 14.76
CA ASP A 262 -9.76 -1.08 15.14
C ASP A 262 -10.16 -1.91 13.93
N SER A 263 -10.52 -1.22 12.85
CA SER A 263 -10.89 -1.89 11.61
C SER A 263 -9.72 -2.62 11.00
N ARG A 264 -8.56 -1.97 11.03
CA ARG A 264 -7.35 -2.53 10.46
C ARG A 264 -6.94 -3.81 11.17
N LEU A 265 -6.93 -3.76 12.51
CA LEU A 265 -6.60 -4.94 13.32
C LEU A 265 -7.60 -6.07 13.11
N ASP A 266 -8.87 -5.73 12.90
CA ASP A 266 -9.85 -6.77 12.61
C ASP A 266 -9.53 -7.42 11.27
N GLN A 267 -9.12 -6.63 10.28
CA GLN A 267 -8.75 -7.18 8.97
C GLN A 267 -7.49 -8.05 9.07
N GLU A 268 -6.52 -7.65 9.89
CA GLU A 268 -5.29 -8.42 10.00
C GLU A 268 -5.52 -9.77 10.68
N LYS A 269 -6.50 -9.84 11.56
CA LYS A 269 -6.70 -11.04 12.36
C LYS A 269 -7.60 -12.09 11.70
N GLN A 270 -8.38 -11.70 10.70
CA GLN A 270 -9.29 -12.65 10.06
C GLN A 270 -8.99 -12.84 8.57
N THR B 1 15.16 -8.79 -2.46
CA THR B 1 15.32 -7.44 -1.89
C THR B 1 15.83 -7.52 -0.46
N PRO B 2 16.87 -6.74 -0.15
CA PRO B 2 17.40 -6.71 1.22
C PRO B 2 16.38 -6.22 2.26
N GLY B 3 16.08 -7.11 3.21
CA GLY B 3 15.26 -6.77 4.36
C GLY B 3 13.78 -6.45 4.24
N CYS B 4 13.09 -6.90 3.19
CA CYS B 4 11.64 -6.74 3.19
C CYS B 4 10.94 -7.93 3.85
N GLU B 5 10.34 -7.69 5.00
CA GLU B 5 9.71 -8.76 5.77
C GLU B 5 8.47 -9.31 5.07
N VAL B 6 7.76 -8.47 4.32
CA VAL B 6 6.57 -8.96 3.61
C VAL B 6 6.97 -9.92 2.49
N CYS B 7 7.94 -9.54 1.66
CA CYS B 7 8.39 -10.44 0.59
C CYS B 7 9.01 -11.72 1.15
N ALA B 8 9.80 -11.57 2.20
CA ALA B 8 10.47 -12.70 2.84
C ALA B 8 9.43 -13.67 3.39
N THR B 9 8.40 -13.15 4.04
CA THR B 9 7.32 -14.01 4.55
C THR B 9 6.55 -14.72 3.43
N TRP B 10 6.15 -13.95 2.42
CA TRP B 10 5.41 -14.48 1.28
C TRP B 10 6.19 -15.56 0.53
N ASN B 11 7.50 -15.37 0.42
CA ASN B 11 8.36 -16.27 -0.33
C ASN B 11 8.99 -17.38 0.50
N ALA B 12 8.60 -17.50 1.77
CA ALA B 12 9.19 -18.52 2.64
C ALA B 12 8.97 -19.93 2.09
N ASP B 13 9.94 -20.80 2.34
CA ASP B 13 9.90 -22.20 1.90
C ASP B 13 8.61 -22.94 2.26
N GLN B 14 8.17 -23.78 1.35
CA GLN B 14 7.05 -24.63 1.58
C GLN B 14 7.27 -25.94 0.81
N ALA B 15 7.20 -27.04 1.53
CA ALA B 15 7.30 -28.36 0.92
C ALA B 15 6.11 -28.60 -0.01
N PRO B 16 6.40 -29.03 -1.25
CA PRO B 16 5.31 -29.27 -2.22
C PRO B 16 4.50 -30.51 -1.87
N PHE B 17 3.26 -30.56 -2.34
CA PHE B 17 2.38 -31.68 -2.04
C PHE B 17 1.32 -31.84 -3.11
N ARG B 18 0.72 -33.04 -3.15
CA ARG B 18 -0.39 -33.27 -4.05
C ARG B 18 -1.66 -32.61 -3.49
N LEU B 19 -2.40 -31.92 -4.35
CA LEU B 19 -3.71 -31.39 -3.99
C LEU B 19 -4.77 -32.43 -4.33
N PHE B 20 -4.87 -32.76 -5.61
CA PHE B 20 -5.77 -33.81 -6.04
C PHE B 20 -5.37 -34.39 -7.39
N GLY B 21 -5.24 -35.71 -7.45
CA GLY B 21 -4.91 -36.38 -8.70
C GLY B 21 -3.62 -35.86 -9.30
N ASN B 22 -3.71 -35.27 -10.49
CA ASN B 22 -2.52 -34.77 -11.18
C ASN B 22 -2.23 -33.30 -10.87
N THR B 23 -2.95 -32.73 -9.89
CA THR B 23 -2.75 -31.33 -9.51
C THR B 23 -1.94 -31.24 -8.23
N TYR B 24 -0.85 -30.47 -8.28
CA TYR B 24 0.09 -30.30 -7.15
C TYR B 24 0.33 -28.85 -6.77
N TYR B 25 0.62 -28.64 -5.49
CA TYR B 25 1.10 -27.35 -5.02
C TYR B 25 2.62 -27.28 -5.07
N VAL B 26 3.15 -26.24 -5.73
CA VAL B 26 4.61 -26.09 -5.81
C VAL B 26 5.05 -24.67 -5.42
N GLY B 27 4.17 -23.97 -4.72
CA GLY B 27 4.45 -22.60 -4.32
C GLY B 27 5.15 -22.43 -2.98
N MET B 28 4.94 -21.26 -2.39
CA MET B 28 5.62 -20.82 -1.18
C MET B 28 4.60 -20.64 -0.06
N LYS B 29 5.04 -20.21 1.13
CA LYS B 29 4.14 -20.06 2.27
C LYS B 29 3.03 -19.03 2.07
N GLY B 30 3.31 -17.99 1.29
CA GLY B 30 2.36 -16.90 1.11
C GLY B 30 2.00 -16.57 -0.33
N LEU B 31 2.53 -17.35 -1.27
CA LEU B 31 2.25 -17.12 -2.70
C LEU B 31 2.07 -18.49 -3.37
N SER B 32 0.95 -18.71 -4.04
CA SER B 32 0.68 -20.03 -4.63
C SER B 32 1.33 -20.23 -5.99
N SER B 33 1.67 -21.48 -6.29
CA SER B 33 2.00 -21.89 -7.65
C SER B 33 1.48 -23.32 -7.74
N VAL B 34 0.86 -23.66 -8.86
CA VAL B 34 0.21 -24.97 -9.01
C VAL B 34 0.69 -25.66 -10.27
N LEU B 35 1.01 -26.94 -10.13
CA LEU B 35 1.46 -27.75 -11.24
C LEU B 35 0.37 -28.78 -11.56
N VAL B 36 -0.04 -28.85 -12.83
CA VAL B 36 -1.03 -29.83 -13.26
C VAL B 36 -0.38 -30.75 -14.29
N THR B 37 -0.22 -32.03 -13.94
CA THR B 37 0.69 -32.87 -14.71
C THR B 37 0.00 -33.86 -15.66
N SER B 38 0.74 -34.27 -16.68
CA SER B 38 0.29 -35.36 -17.57
C SER B 38 1.46 -35.95 -18.36
N PRO B 39 1.23 -37.10 -19.01
CA PRO B 39 2.28 -37.68 -19.87
C PRO B 39 2.54 -36.83 -21.11
N GLN B 40 1.68 -35.87 -21.41
CA GLN B 40 1.84 -34.96 -22.54
C GLN B 40 2.56 -33.67 -22.13
N GLY B 41 2.86 -33.55 -20.86
CA GLY B 41 3.44 -32.32 -20.35
C GLY B 41 2.56 -31.70 -19.27
N HIS B 42 3.06 -30.63 -18.63
CA HIS B 42 2.38 -30.06 -17.49
C HIS B 42 1.98 -28.61 -17.69
N VAL B 43 1.06 -28.16 -16.85
CA VAL B 43 0.66 -26.76 -16.81
C VAL B 43 1.09 -26.22 -15.47
N LEU B 44 1.69 -25.03 -15.47
CA LEU B 44 2.10 -24.37 -14.24
C LEU B 44 1.32 -23.08 -14.09
N ILE B 45 0.74 -22.86 -12.92
CA ILE B 45 -0.03 -21.64 -12.68
C ILE B 45 0.68 -20.72 -11.69
N ASP B 46 0.98 -19.51 -12.16
CA ASP B 46 1.62 -18.41 -11.41
C ASP B 46 3.08 -18.69 -11.06
N GLY B 47 3.83 -17.59 -10.86
CA GLY B 47 5.27 -17.66 -10.76
C GLY B 47 5.90 -16.95 -9.58
N GLY B 48 5.07 -16.39 -8.69
CA GLY B 48 5.56 -15.75 -7.50
C GLY B 48 6.41 -14.53 -7.82
N LEU B 49 7.18 -14.10 -6.83
CA LEU B 49 8.16 -13.03 -6.96
C LEU B 49 9.32 -13.50 -7.83
N PRO B 50 10.17 -12.57 -8.30
CA PRO B 50 11.34 -13.00 -9.08
C PRO B 50 12.16 -14.05 -8.31
N GLU B 51 12.30 -13.84 -7.00
CA GLU B 51 13.05 -14.79 -6.18
C GLU B 51 12.26 -16.06 -5.86
N SER B 52 11.03 -16.18 -6.36
CA SER B 52 10.25 -17.42 -6.19
C SER B 52 10.54 -18.46 -7.25
N ALA B 53 11.00 -18.03 -8.41
CA ALA B 53 11.20 -18.96 -9.53
C ALA B 53 12.14 -20.12 -9.17
N PRO B 54 13.29 -19.84 -8.52
CA PRO B 54 14.12 -21.00 -8.16
C PRO B 54 13.45 -21.93 -7.18
N LYS B 55 12.59 -21.37 -6.32
CA LYS B 55 11.91 -22.19 -5.33
C LYS B 55 10.85 -23.08 -5.98
N ILE B 56 10.08 -22.51 -6.89
CA ILE B 56 9.07 -23.28 -7.61
C ILE B 56 9.71 -24.42 -8.41
N ILE B 57 10.81 -24.11 -9.10
CA ILE B 57 11.52 -25.13 -9.87
C ILE B 57 12.02 -26.26 -8.98
N ALA B 58 12.58 -25.91 -7.82
CA ALA B 58 13.06 -26.91 -6.87
C ALA B 58 11.90 -27.77 -6.38
N ASN B 59 10.75 -27.13 -6.16
CA ASN B 59 9.56 -27.83 -5.67
C ASN B 59 8.98 -28.80 -6.72
N ILE B 60 9.02 -28.39 -7.97
CA ILE B 60 8.62 -29.25 -9.08
C ILE B 60 9.51 -30.48 -9.11
N GLY B 61 10.82 -30.26 -8.95
CA GLY B 61 11.79 -31.35 -8.90
C GLY B 61 11.58 -32.28 -7.73
N ALA B 62 11.26 -31.71 -6.57
CA ALA B 62 11.10 -32.48 -5.33
C ALA B 62 9.94 -33.46 -5.43
N LEU B 63 8.95 -33.12 -6.24
CA LEU B 63 7.80 -34.00 -6.47
C LEU B 63 8.11 -35.12 -7.45
N GLY B 64 9.22 -34.99 -8.16
CA GLY B 64 9.57 -35.97 -9.17
C GLY B 64 9.14 -35.55 -10.57
N PHE B 65 8.91 -34.26 -10.75
CA PHE B 65 8.61 -33.73 -12.08
C PHE B 65 9.76 -32.82 -12.51
N ARG B 66 9.65 -32.26 -13.71
CA ARG B 66 10.71 -31.43 -14.28
C ARG B 66 10.17 -30.13 -14.88
N ILE B 67 10.87 -29.02 -14.67
CA ILE B 67 10.45 -27.74 -15.24
C ILE B 67 10.47 -27.80 -16.77
N GLU B 68 11.34 -28.66 -17.32
CA GLU B 68 11.47 -28.79 -18.77
C GLU B 68 10.22 -29.36 -19.44
N ASP B 69 9.37 -30.02 -18.67
CA ASP B 69 8.18 -30.65 -19.22
C ASP B 69 6.92 -29.78 -19.09
N VAL B 70 7.06 -28.61 -18.46
CA VAL B 70 5.96 -27.65 -18.41
C VAL B 70 5.76 -27.09 -19.81
N LYS B 71 4.54 -27.19 -20.35
CA LYS B 71 4.29 -26.76 -21.72
C LYS B 71 3.40 -25.52 -21.78
N LEU B 72 2.80 -25.16 -20.66
CA LEU B 72 1.99 -23.95 -20.59
C LEU B 72 2.05 -23.33 -19.19
N ILE B 73 2.28 -22.02 -19.12
CA ILE B 73 2.31 -21.30 -17.86
C ILE B 73 1.16 -20.29 -17.83
N LEU B 74 0.40 -20.29 -16.75
CA LEU B 74 -0.75 -19.39 -16.63
C LEU B 74 -0.47 -18.29 -15.60
N ASN B 75 -0.99 -17.09 -15.87
CA ASN B 75 -0.87 -15.97 -14.96
C ASN B 75 -2.23 -15.64 -14.36
N SER B 76 -2.23 -15.19 -13.11
CA SER B 76 -3.46 -14.69 -12.48
C SER B 76 -3.58 -13.18 -12.69
N HIS B 77 -2.63 -12.42 -12.17
CA HIS B 77 -2.56 -10.99 -12.47
C HIS B 77 -1.13 -10.47 -12.48
N GLY B 78 -0.97 -9.21 -12.91
CA GLY B 78 0.32 -8.67 -13.26
C GLY B 78 1.17 -8.09 -12.14
N HIS B 79 0.72 -8.19 -10.89
CA HIS B 79 1.55 -7.75 -9.78
C HIS B 79 2.81 -8.58 -9.65
N ILE B 80 3.88 -7.96 -9.17
CA ILE B 80 5.19 -8.60 -9.07
C ILE B 80 5.19 -9.90 -8.26
N ASP B 81 4.29 -10.06 -7.29
CA ASP B 81 4.35 -11.27 -6.45
C ASP B 81 3.65 -12.47 -7.11
N HIS B 82 3.14 -12.28 -8.33
CA HIS B 82 2.60 -13.38 -9.14
C HIS B 82 3.27 -13.49 -10.49
N ALA B 83 3.76 -12.37 -11.01
CA ALA B 83 4.34 -12.36 -12.34
C ALA B 83 5.86 -12.24 -12.32
N GLY B 84 6.42 -11.92 -11.15
CA GLY B 84 7.84 -11.66 -11.03
C GLY B 84 8.72 -12.83 -11.42
N GLY B 85 8.24 -14.04 -11.15
CA GLY B 85 9.02 -15.22 -11.45
C GLY B 85 8.80 -15.80 -12.83
N LEU B 86 7.88 -15.21 -13.59
CA LEU B 86 7.44 -15.81 -14.86
C LEU B 86 8.52 -15.87 -15.93
N ALA B 87 9.33 -14.82 -16.04
CA ALA B 87 10.39 -14.80 -17.05
C ALA B 87 11.36 -15.97 -16.88
N GLU B 88 11.76 -16.22 -15.64
CA GLU B 88 12.71 -17.31 -15.38
C GLU B 88 12.06 -18.68 -15.61
N LEU B 89 10.81 -18.84 -15.17
CA LEU B 89 10.11 -20.10 -15.37
C LEU B 89 9.93 -20.38 -16.87
N GLN B 90 9.63 -19.33 -17.63
CA GLN B 90 9.50 -19.45 -19.08
C GLN B 90 10.83 -19.87 -19.71
N ARG B 91 11.93 -19.23 -19.29
CA ARG B 91 13.25 -19.57 -19.83
C ARG B 91 13.62 -21.03 -19.57
N ARG B 92 13.26 -21.51 -18.39
CA ARG B 92 13.67 -22.86 -17.98
C ARG B 92 12.78 -23.97 -18.56
N SER B 93 11.55 -23.60 -18.94
CA SER B 93 10.60 -24.57 -19.49
C SER B 93 10.42 -24.44 -20.99
N ASN B 94 10.69 -23.24 -21.52
CA ASN B 94 10.40 -22.90 -22.91
C ASN B 94 8.89 -22.94 -23.19
N ALA B 95 8.11 -22.73 -22.14
CA ALA B 95 6.66 -22.70 -22.23
C ALA B 95 6.12 -21.32 -22.57
N LEU B 96 4.99 -21.29 -23.26
CA LEU B 96 4.25 -20.05 -23.48
C LEU B 96 3.58 -19.62 -22.18
N VAL B 97 3.41 -18.31 -21.99
CA VAL B 97 2.70 -17.81 -20.83
C VAL B 97 1.34 -17.25 -21.27
N ALA B 98 0.26 -17.66 -20.60
CA ALA B 98 -1.06 -17.14 -20.92
C ALA B 98 -1.50 -16.13 -19.86
N ALA B 99 -1.98 -14.97 -20.32
CA ALA B 99 -2.41 -13.91 -19.43
C ALA B 99 -3.51 -13.06 -20.09
N SER B 100 -4.28 -12.33 -19.28
CA SER B 100 -5.35 -11.47 -19.82
C SER B 100 -4.74 -10.35 -20.65
N PRO B 101 -5.54 -9.71 -21.52
CA PRO B 101 -5.01 -8.59 -22.31
C PRO B 101 -4.40 -7.50 -21.41
N SER B 102 -5.08 -7.17 -20.32
CA SER B 102 -4.60 -6.15 -19.41
C SER B 102 -3.36 -6.61 -18.63
N ALA B 103 -3.41 -7.82 -18.06
CA ALA B 103 -2.25 -8.34 -17.34
C ALA B 103 -1.05 -8.47 -18.29
N ALA B 104 -1.31 -8.84 -19.54
CA ALA B 104 -0.24 -9.04 -20.51
C ALA B 104 0.52 -7.75 -20.77
N LEU B 105 -0.16 -6.60 -20.65
CA LEU B 105 0.52 -5.32 -20.79
C LEU B 105 1.54 -5.15 -19.68
N ASP B 106 1.15 -5.51 -18.46
CA ASP B 106 2.08 -5.48 -17.32
C ASP B 106 3.26 -6.43 -17.50
N LEU B 107 2.97 -7.67 -17.89
CA LEU B 107 4.02 -8.67 -18.06
C LEU B 107 5.05 -8.22 -19.09
N ALA B 108 4.56 -7.63 -20.19
CA ALA B 108 5.43 -7.25 -21.30
C ALA B 108 6.43 -6.17 -20.91
N SER B 109 6.04 -5.30 -19.97
CA SER B 109 6.92 -4.20 -19.57
C SER B 109 7.53 -4.42 -18.17
N GLY B 110 7.03 -5.41 -17.44
CA GLY B 110 7.54 -5.70 -16.12
C GLY B 110 7.13 -4.66 -15.09
N GLU B 111 6.03 -3.96 -15.35
CA GLU B 111 5.49 -2.98 -14.41
C GLU B 111 4.04 -2.66 -14.73
N VAL B 112 3.27 -2.32 -13.71
CA VAL B 112 1.84 -2.09 -13.91
C VAL B 112 1.56 -0.69 -14.42
N GLY B 113 0.36 -0.51 -14.98
CA GLY B 113 -0.02 0.79 -15.53
C GLY B 113 -0.82 1.60 -14.54
N PRO B 114 -1.17 2.83 -14.92
CA PRO B 114 -1.81 3.82 -14.04
C PRO B 114 -3.18 3.42 -13.52
N ASP B 115 -3.84 2.44 -14.16
CA ASP B 115 -5.12 1.97 -13.65
C ASP B 115 -4.94 0.93 -12.54
N ASP B 116 -3.71 0.59 -12.20
CA ASP B 116 -3.50 -0.42 -11.14
C ASP B 116 -3.61 0.23 -9.77
N PRO B 117 -4.34 -0.40 -8.84
CA PRO B 117 -4.39 0.15 -7.48
C PRO B 117 -3.03 0.31 -6.81
N GLN B 118 -2.02 -0.41 -7.31
CA GLN B 118 -0.68 -0.28 -6.76
C GLN B 118 0.33 0.29 -7.76
N TYR B 119 -0.17 1.04 -8.75
CA TYR B 119 0.71 1.78 -9.63
C TYR B 119 1.58 2.72 -8.79
N HIS B 120 2.86 2.85 -9.12
CA HIS B 120 3.80 3.76 -8.43
C HIS B 120 4.22 3.20 -7.06
N ALA B 121 3.79 1.98 -6.74
CA ALA B 121 4.04 1.43 -5.40
C ALA B 121 4.59 0.00 -5.41
N LEU B 122 5.04 -0.46 -6.57
CA LEU B 122 5.66 -1.78 -6.66
C LEU B 122 6.91 -1.67 -7.52
N PRO B 123 7.93 -2.51 -7.27
CA PRO B 123 9.14 -2.49 -8.09
C PRO B 123 8.89 -3.08 -9.48
N LYS B 124 9.74 -2.72 -10.44
CA LYS B 124 9.73 -3.36 -11.76
C LYS B 124 10.20 -4.80 -11.63
N TYR B 125 9.80 -5.65 -12.56
CA TYR B 125 10.25 -7.05 -12.56
C TYR B 125 10.62 -7.49 -13.98
N PRO B 126 11.25 -8.68 -14.11
CA PRO B 126 11.67 -9.11 -15.46
C PRO B 126 10.52 -9.28 -16.44
N PRO B 127 10.59 -8.59 -17.59
CA PRO B 127 9.55 -8.65 -18.60
C PRO B 127 9.40 -10.06 -19.17
N VAL B 128 8.17 -10.46 -19.48
CA VAL B 128 7.90 -11.76 -20.08
C VAL B 128 7.85 -11.64 -21.61
N LYS B 129 8.63 -12.47 -22.30
CA LYS B 129 8.78 -12.38 -23.75
C LYS B 129 7.62 -12.95 -24.55
N ASP B 130 7.22 -14.18 -24.23
CA ASP B 130 6.29 -14.88 -25.11
C ASP B 130 4.98 -15.19 -24.42
N MET B 131 3.89 -14.68 -24.99
CA MET B 131 2.59 -14.77 -24.35
C MET B 131 1.45 -15.05 -25.31
N ARG B 132 0.38 -15.62 -24.79
CA ARG B 132 -0.86 -15.78 -25.50
C ARG B 132 -1.95 -15.11 -24.67
N LEU B 133 -2.83 -14.36 -25.34
CA LEU B 133 -3.87 -13.66 -24.59
C LEU B 133 -5.00 -14.60 -24.22
N ALA B 134 -5.38 -14.54 -22.95
CA ALA B 134 -6.48 -15.34 -22.44
C ALA B 134 -7.67 -14.45 -22.14
N ARG B 135 -8.73 -14.58 -22.91
CA ARG B 135 -9.93 -13.79 -22.64
C ARG B 135 -10.98 -14.58 -21.89
N ASP B 136 -12.00 -13.88 -21.42
CA ASP B 136 -13.07 -14.48 -20.64
C ASP B 136 -13.67 -15.65 -21.41
N GLY B 137 -13.63 -16.83 -20.80
CA GLY B 137 -14.13 -18.04 -21.42
C GLY B 137 -13.12 -18.74 -22.31
N GLY B 138 -11.92 -18.17 -22.43
CA GLY B 138 -10.90 -18.74 -23.29
C GLY B 138 -10.45 -20.11 -22.85
N GLN B 139 -10.32 -21.03 -23.80
CA GLN B 139 -9.90 -22.38 -23.51
C GLN B 139 -8.49 -22.70 -23.99
N PHE B 140 -7.76 -23.39 -23.12
CA PHE B 140 -6.40 -23.83 -23.36
C PHE B 140 -6.33 -25.29 -22.95
N ASN B 141 -5.42 -26.05 -23.54
CA ASN B 141 -5.26 -27.43 -23.07
C ASN B 141 -3.84 -27.95 -23.20
N VAL B 142 -3.49 -28.85 -22.30
CA VAL B 142 -2.30 -29.67 -22.48
C VAL B 142 -2.72 -31.13 -22.21
N GLY B 143 -2.86 -31.94 -23.24
CA GLY B 143 -3.35 -33.30 -23.04
C GLY B 143 -4.70 -33.31 -22.34
N PRO B 144 -4.78 -33.94 -21.15
CA PRO B 144 -5.99 -34.15 -20.35
C PRO B 144 -6.40 -32.99 -19.46
N VAL B 145 -5.55 -31.97 -19.28
CA VAL B 145 -5.96 -30.82 -18.50
C VAL B 145 -6.58 -29.83 -19.47
N TYR B 146 -7.86 -29.56 -19.24
CA TYR B 146 -8.61 -28.68 -20.14
C TYR B 146 -8.89 -27.44 -19.33
N LEU B 147 -8.29 -26.32 -19.73
CA LEU B 147 -8.40 -25.12 -18.91
C LEU B 147 -9.32 -24.09 -19.51
N THR B 148 -10.00 -23.36 -18.64
CA THR B 148 -10.84 -22.26 -19.05
C THR B 148 -10.46 -21.00 -18.25
N ALA B 149 -10.25 -19.90 -18.95
CA ALA B 149 -9.91 -18.65 -18.28
C ALA B 149 -11.20 -17.91 -17.92
N HIS B 150 -11.21 -17.30 -16.75
CA HIS B 150 -12.36 -16.52 -16.30
C HIS B 150 -11.89 -15.15 -15.87
N ALA B 151 -12.41 -14.11 -16.53
CA ALA B 151 -12.06 -12.74 -16.16
C ALA B 151 -12.54 -12.47 -14.74
N THR B 152 -11.61 -12.13 -13.85
CA THR B 152 -11.97 -11.79 -12.47
C THR B 152 -11.21 -10.55 -11.99
N PRO B 153 -11.51 -9.39 -12.58
CA PRO B 153 -10.84 -8.12 -12.26
C PRO B 153 -11.32 -7.49 -10.95
N GLY B 154 -10.67 -6.40 -10.53
CA GLY B 154 -11.07 -5.68 -9.31
C GLY B 154 -9.87 -5.35 -8.43
N HIS B 155 -9.16 -6.39 -8.03
CA HIS B 155 -7.88 -6.24 -7.36
C HIS B 155 -6.86 -5.60 -8.33
N THR B 156 -6.96 -5.99 -9.60
CA THR B 156 -6.33 -5.32 -10.74
C THR B 156 -7.30 -5.36 -11.91
N PRO B 157 -7.11 -4.49 -12.92
CA PRO B 157 -8.01 -4.57 -14.08
C PRO B 157 -7.91 -5.88 -14.88
N GLY B 158 -6.80 -6.59 -14.78
CA GLY B 158 -6.59 -7.74 -15.65
C GLY B 158 -6.65 -9.09 -14.96
N GLY B 159 -7.19 -9.10 -13.73
CA GLY B 159 -7.20 -10.32 -12.94
C GLY B 159 -7.89 -11.49 -13.65
N LEU B 160 -7.26 -12.68 -13.58
CA LEU B 160 -7.79 -13.89 -14.20
C LEU B 160 -7.82 -15.04 -13.21
N SER B 161 -8.90 -15.82 -13.27
CA SER B 161 -8.98 -17.09 -12.56
C SER B 161 -9.11 -18.24 -13.56
N TRP B 162 -8.76 -19.44 -13.13
CA TRP B 162 -8.64 -20.57 -14.03
C TRP B 162 -9.38 -21.77 -13.48
N THR B 163 -10.05 -22.52 -14.37
CA THR B 163 -10.69 -23.77 -13.99
C THR B 163 -10.24 -24.93 -14.86
N TRP B 164 -10.26 -26.13 -14.28
CA TRP B 164 -9.95 -27.36 -15.01
C TRP B 164 -10.48 -28.55 -14.21
N GLN B 165 -10.37 -29.75 -14.77
CA GLN B 165 -10.72 -30.94 -14.02
C GLN B 165 -9.50 -31.80 -13.80
N SER B 166 -9.45 -32.45 -12.64
CA SER B 166 -8.40 -33.41 -12.32
C SER B 166 -9.01 -34.68 -11.79
N CYS B 167 -8.40 -35.81 -12.18
CA CYS B 167 -8.91 -37.11 -11.79
C CYS B 167 -7.87 -37.83 -10.94
N ASP B 168 -8.32 -38.57 -9.93
CA ASP B 168 -7.39 -39.35 -9.12
C ASP B 168 -7.65 -40.84 -9.30
N GLY B 169 -8.26 -41.23 -10.43
CA GLY B 169 -8.73 -42.59 -10.58
C GLY B 169 -10.22 -42.72 -10.39
N PRO B 170 -10.69 -42.81 -9.14
CA PRO B 170 -12.13 -43.00 -8.92
C PRO B 170 -13.02 -41.80 -9.28
N ARG B 171 -12.47 -40.59 -9.39
CA ARG B 171 -13.32 -39.43 -9.70
C ARG B 171 -12.61 -38.21 -10.27
N CYS B 172 -13.28 -37.53 -11.20
CA CYS B 172 -12.80 -36.22 -11.65
C CYS B 172 -13.44 -35.17 -10.76
N LEU B 173 -12.66 -34.18 -10.37
CA LEU B 173 -13.18 -33.06 -9.60
C LEU B 173 -12.93 -31.75 -10.31
N ASN B 174 -13.77 -30.77 -10.01
CA ASN B 174 -13.62 -29.42 -10.54
C ASN B 174 -12.58 -28.63 -9.73
N MET B 175 -11.52 -28.21 -10.41
CA MET B 175 -10.43 -27.44 -9.80
C MET B 175 -10.54 -25.97 -10.12
N VAL B 176 -10.20 -25.12 -9.16
CA VAL B 176 -10.26 -23.67 -9.35
C VAL B 176 -9.00 -23.01 -8.82
N TYR B 177 -8.36 -22.20 -9.66
CA TYR B 177 -7.30 -21.31 -9.19
C TYR B 177 -7.89 -19.91 -9.17
N ALA B 178 -8.20 -19.41 -7.99
CA ALA B 178 -8.86 -18.10 -7.90
C ALA B 178 -7.88 -16.96 -7.67
N ASP B 179 -7.97 -15.95 -8.53
CA ASP B 179 -7.14 -14.77 -8.40
C ASP B 179 -7.48 -14.00 -7.14
N SER B 180 -6.57 -13.12 -6.70
CA SER B 180 -6.87 -12.15 -5.67
C SER B 180 -8.08 -11.30 -6.06
N ILE B 181 -8.98 -11.14 -5.12
CA ILE B 181 -10.13 -10.26 -5.29
C ILE B 181 -10.27 -9.35 -4.07
N ASN B 182 -9.16 -9.13 -3.37
CA ASN B 182 -9.19 -8.25 -2.20
C ASN B 182 -8.97 -6.78 -2.56
N ALA B 183 -9.83 -5.93 -2.02
CA ALA B 183 -9.76 -4.49 -2.25
C ALA B 183 -8.68 -3.84 -1.41
N VAL B 184 -7.43 -4.05 -1.82
CA VAL B 184 -6.28 -3.41 -1.18
C VAL B 184 -5.54 -2.60 -2.24
N SER B 185 -4.76 -1.61 -1.81
CA SER B 185 -4.14 -0.68 -2.75
C SER B 185 -2.97 0.03 -2.09
N ARG B 186 -2.28 0.87 -2.86
CA ARG B 186 -1.40 1.87 -2.24
C ARG B 186 -2.26 2.85 -1.48
N PRO B 187 -1.73 3.44 -0.40
CA PRO B 187 -2.52 4.43 0.33
C PRO B 187 -2.95 5.60 -0.58
N GLY B 188 -4.17 6.09 -0.42
CA GLY B 188 -4.61 7.24 -1.22
C GLY B 188 -5.43 6.85 -2.44
N PHE B 189 -5.24 5.61 -2.92
CA PHE B 189 -6.07 5.09 -4.01
C PHE B 189 -7.48 4.89 -3.49
N LYS B 190 -8.47 5.24 -4.30
CA LYS B 190 -9.85 5.04 -3.90
C LYS B 190 -10.58 4.14 -4.88
N PHE B 191 -10.95 2.95 -4.41
CA PHE B 191 -11.76 2.04 -5.21
C PHE B 191 -13.08 2.68 -5.61
N SER B 192 -13.60 3.57 -4.76
CA SER B 192 -14.90 4.16 -5.00
C SER B 192 -14.83 5.43 -5.87
N ALA B 193 -13.62 5.91 -6.17
CA ALA B 193 -13.51 7.18 -6.88
C ALA B 193 -12.21 7.35 -7.67
N SER B 194 -11.80 6.31 -8.37
CA SER B 194 -10.60 6.34 -9.18
C SER B 194 -10.92 6.79 -10.60
N SER B 195 -10.20 7.79 -11.10
CA SER B 195 -10.42 8.23 -12.47
C SER B 195 -9.66 7.34 -13.45
N GLU B 196 -8.61 6.66 -12.98
CA GLU B 196 -7.85 5.78 -13.86
C GLU B 196 -8.47 4.40 -13.95
N TYR B 197 -9.14 3.98 -12.87
CA TYR B 197 -9.82 2.70 -12.80
C TYR B 197 -11.27 2.89 -12.34
N PRO B 198 -12.12 3.51 -13.19
CA PRO B 198 -13.49 3.84 -12.75
C PRO B 198 -14.41 2.61 -12.62
N ASN B 199 -14.06 1.49 -13.24
CA ASN B 199 -14.91 0.32 -13.18
C ASN B 199 -14.57 -0.64 -12.04
N ALA B 200 -13.72 -0.20 -11.12
CA ALA B 200 -13.19 -1.09 -10.09
C ALA B 200 -14.27 -1.81 -9.30
N LEU B 201 -15.26 -1.06 -8.83
CA LEU B 201 -16.31 -1.67 -8.02
C LEU B 201 -17.16 -2.59 -8.88
N ALA B 202 -17.47 -2.18 -10.11
CA ALA B 202 -18.23 -3.04 -11.01
C ALA B 202 -17.48 -4.34 -11.28
N ASP B 203 -16.17 -4.23 -11.48
CA ASP B 203 -15.29 -5.38 -11.70
C ASP B 203 -15.33 -6.33 -10.49
N LEU B 204 -15.17 -5.78 -9.29
CA LEU B 204 -15.21 -6.60 -8.08
C LEU B 204 -16.55 -7.33 -7.95
N ARG B 205 -17.65 -6.61 -8.18
CA ARG B 205 -18.99 -7.21 -8.06
C ARG B 205 -19.11 -8.37 -9.02
N HIS B 206 -18.58 -8.19 -10.23
CA HIS B 206 -18.61 -9.23 -11.26
C HIS B 206 -17.75 -10.43 -10.89
N SER B 207 -16.59 -10.19 -10.31
CA SER B 207 -15.70 -11.25 -9.89
C SER B 207 -16.34 -12.07 -8.78
N PHE B 208 -16.96 -11.38 -7.83
CA PHE B 208 -17.68 -12.04 -6.76
C PHE B 208 -18.72 -13.03 -7.31
N GLU B 209 -19.53 -12.55 -8.26
CA GLU B 209 -20.60 -13.38 -8.84
C GLU B 209 -20.04 -14.54 -9.65
N THR B 210 -18.99 -14.25 -10.43
CA THR B 210 -18.36 -15.24 -11.28
C THR B 210 -17.80 -16.38 -10.45
N LEU B 211 -17.04 -16.02 -9.41
CA LEU B 211 -16.38 -17.02 -8.59
C LEU B 211 -17.36 -17.84 -7.77
N GLU B 212 -18.43 -17.20 -7.28
CA GLU B 212 -19.31 -17.88 -6.34
C GLU B 212 -20.22 -18.94 -7.01
N LYS B 213 -20.31 -18.93 -8.33
CA LYS B 213 -21.09 -19.97 -9.00
C LYS B 213 -20.27 -20.90 -9.91
N LEU B 214 -18.94 -20.80 -9.82
CA LEU B 214 -18.07 -21.76 -10.49
C LEU B 214 -18.21 -23.13 -9.84
N PRO B 215 -18.25 -24.21 -10.66
CA PRO B 215 -18.04 -25.53 -10.07
C PRO B 215 -16.70 -25.52 -9.34
N CYS B 216 -16.70 -25.88 -8.07
CA CYS B 216 -15.56 -25.61 -7.22
C CYS B 216 -15.34 -26.68 -6.15
N ASP B 217 -14.75 -27.80 -6.55
CA ASP B 217 -14.45 -28.86 -5.60
C ASP B 217 -13.15 -28.63 -4.83
N VAL B 218 -12.08 -28.29 -5.57
CA VAL B 218 -10.81 -27.96 -4.93
C VAL B 218 -10.36 -26.55 -5.30
N LEU B 219 -10.27 -25.69 -4.30
CA LEU B 219 -9.90 -24.29 -4.48
C LEU B 219 -8.47 -24.02 -4.06
N ILE B 220 -7.72 -23.34 -4.93
CA ILE B 220 -6.44 -22.75 -4.55
C ILE B 220 -6.50 -21.25 -4.83
N SER B 221 -6.31 -20.43 -3.80
CA SER B 221 -6.28 -18.98 -4.01
C SER B 221 -4.84 -18.50 -4.26
N ALA B 222 -4.70 -17.43 -5.05
CA ALA B 222 -3.40 -16.89 -5.42
C ALA B 222 -2.54 -16.61 -4.20
N HIS B 223 -3.18 -16.12 -3.14
CA HIS B 223 -2.53 -16.08 -1.83
C HIS B 223 -3.13 -17.22 -1.02
N PRO B 224 -2.32 -18.27 -0.76
CA PRO B 224 -2.85 -19.57 -0.30
C PRO B 224 -3.66 -19.51 1.00
N GLU B 225 -3.27 -18.70 1.97
CA GLU B 225 -4.02 -18.64 3.23
C GLU B 225 -5.44 -18.09 3.07
N ALA B 226 -5.69 -17.37 1.97
CA ALA B 226 -7.03 -16.83 1.72
C ALA B 226 -8.05 -17.96 1.41
N SER B 227 -7.54 -19.16 1.17
CA SER B 227 -8.43 -20.31 1.02
C SER B 227 -8.10 -21.37 2.07
N GLN B 228 -7.48 -20.93 3.17
CA GLN B 228 -7.17 -21.81 4.31
C GLN B 228 -6.36 -23.01 3.87
N LEU B 229 -5.39 -22.78 2.99
CA LEU B 229 -4.67 -23.90 2.40
C LEU B 229 -3.88 -24.69 3.43
N TRP B 230 -3.31 -24.00 4.41
CA TRP B 230 -2.45 -24.70 5.36
C TRP B 230 -3.28 -25.46 6.37
N GLN B 231 -4.47 -24.97 6.68
CA GLN B 231 -5.39 -25.75 7.51
C GLN B 231 -5.76 -27.04 6.79
N ARG B 232 -6.14 -26.92 5.52
CA ARG B 232 -6.46 -28.12 4.76
C ARG B 232 -5.26 -29.06 4.63
N LEU B 233 -4.08 -28.51 4.39
CA LEU B 233 -2.87 -29.34 4.32
C LEU B 233 -2.62 -30.14 5.60
N GLU B 234 -2.73 -29.50 6.76
CA GLU B 234 -2.58 -30.24 8.01
C GLU B 234 -3.62 -31.35 8.12
N ALA B 235 -4.86 -31.05 7.70
CA ALA B 235 -5.92 -32.05 7.78
C ALA B 235 -5.66 -33.26 6.89
N SER B 236 -4.97 -33.04 5.77
CA SER B 236 -4.76 -34.10 4.77
C SER B 236 -3.75 -35.14 5.26
N ALA B 237 -2.96 -34.74 6.26
CA ALA B 237 -1.99 -35.63 6.88
C ALA B 237 -2.65 -36.93 7.32
N THR B 238 -3.86 -36.78 7.86
CA THR B 238 -4.63 -37.92 8.31
C THR B 238 -5.87 -38.14 7.44
N GLY B 239 -6.29 -37.09 6.73
CA GLY B 239 -7.51 -37.12 5.93
C GLY B 239 -7.33 -37.54 4.48
N GLY B 240 -6.12 -37.40 3.96
CA GLY B 240 -5.88 -37.69 2.56
C GLY B 240 -6.36 -36.54 1.70
N SER B 241 -6.54 -36.78 0.40
CA SER B 241 -6.87 -35.70 -0.53
C SER B 241 -8.24 -35.10 -0.26
N ASP B 242 -9.11 -35.87 0.39
CA ASP B 242 -10.44 -35.40 0.79
C ASP B 242 -10.39 -34.08 1.55
N ALA B 243 -9.31 -33.89 2.32
CA ALA B 243 -9.16 -32.69 3.14
C ALA B 243 -9.13 -31.42 2.31
N PHE B 244 -8.77 -31.54 1.04
CA PHE B 244 -8.72 -30.39 0.15
C PHE B 244 -10.04 -30.15 -0.58
N VAL B 245 -10.96 -31.09 -0.47
CA VAL B 245 -12.24 -31.00 -1.19
C VAL B 245 -13.33 -30.35 -0.37
N ASP B 246 -13.88 -29.27 -0.92
CA ASP B 246 -14.94 -28.50 -0.27
C ASP B 246 -15.68 -27.67 -1.30
N PRO B 247 -16.86 -28.14 -1.71
CA PRO B 247 -17.65 -27.52 -2.79
C PRO B 247 -18.14 -26.11 -2.45
N GLN B 248 -18.03 -25.70 -1.20
CA GLN B 248 -18.47 -24.37 -0.80
C GLN B 248 -17.32 -23.37 -0.75
N ALA B 249 -16.10 -23.83 -1.05
CA ALA B 249 -14.89 -23.03 -0.83
C ALA B 249 -14.90 -21.70 -1.60
N CYS B 250 -15.27 -21.73 -2.88
CA CYS B 250 -15.31 -20.49 -3.66
C CYS B 250 -16.35 -19.50 -3.12
N ARG B 251 -17.50 -20.02 -2.68
CA ARG B 251 -18.54 -19.16 -2.12
C ARG B 251 -18.03 -18.50 -0.84
N ALA B 252 -17.29 -19.26 -0.04
CA ALA B 252 -16.71 -18.70 1.19
C ALA B 252 -15.59 -17.70 0.92
N TYR B 253 -14.81 -17.95 -0.13
CA TYR B 253 -13.74 -17.05 -0.55
C TYR B 253 -14.30 -15.68 -0.91
N VAL B 254 -15.39 -15.70 -1.68
CA VAL B 254 -16.07 -14.49 -2.09
C VAL B 254 -16.72 -13.79 -0.91
N ALA B 255 -17.33 -14.56 -0.02
CA ALA B 255 -17.98 -13.98 1.16
C ALA B 255 -16.99 -13.15 1.98
N ALA B 256 -15.78 -13.67 2.15
CA ALA B 256 -14.73 -12.97 2.88
C ALA B 256 -14.31 -11.68 2.16
N ALA B 257 -14.23 -11.75 0.85
CA ALA B 257 -13.84 -10.60 0.03
C ALA B 257 -14.92 -9.52 0.01
N ARG B 258 -16.18 -9.95 0.09
CA ARG B 258 -17.29 -9.02 0.15
C ARG B 258 -17.23 -8.21 1.45
N THR B 259 -16.97 -8.89 2.55
CA THR B 259 -16.86 -8.26 3.85
C THR B 259 -15.73 -7.22 3.85
N LEU B 260 -14.58 -7.61 3.28
CA LEU B 260 -13.43 -6.71 3.16
C LEU B 260 -13.76 -5.45 2.36
N LEU B 261 -14.41 -5.62 1.21
CA LEU B 261 -14.80 -4.48 0.38
C LEU B 261 -15.73 -3.53 1.12
N ASP B 262 -16.69 -4.07 1.86
CA ASP B 262 -17.61 -3.23 2.63
C ASP B 262 -16.83 -2.39 3.64
N SER B 263 -15.85 -3.01 4.28
CA SER B 263 -15.00 -2.33 5.25
C SER B 263 -14.15 -1.25 4.58
N ARG B 264 -13.61 -1.57 3.41
CA ARG B 264 -12.79 -0.63 2.66
C ARG B 264 -13.62 0.58 2.24
N LEU B 265 -14.82 0.31 1.69
CA LEU B 265 -15.73 1.37 1.28
C LEU B 265 -16.13 2.27 2.46
N ASP B 266 -16.30 1.67 3.63
CA ASP B 266 -16.61 2.43 4.83
C ASP B 266 -15.44 3.35 5.20
N GLN B 267 -14.22 2.84 5.08
CA GLN B 267 -13.03 3.65 5.35
C GLN B 267 -12.90 4.78 4.34
N GLU B 268 -13.23 4.52 3.09
CA GLU B 268 -13.10 5.52 2.03
C GLU B 268 -14.11 6.67 2.15
N LYS B 269 -15.24 6.45 2.81
CA LYS B 269 -16.32 7.44 2.78
C LYS B 269 -16.10 8.57 3.79
N GLN B 270 -15.18 8.40 4.71
CA GLN B 270 -14.93 9.42 5.71
C GLN B 270 -13.52 9.99 5.60
ZN ZN C . 3.14 8.74 5.57
ZN ZN D . 1.49 11.29 3.91
ZN ZN E . 2.14 8.29 -6.79
ZN ZN F . 8.78 -6.43 -0.43
ZN ZN G . -11.91 -38.97 -13.97
ZN ZN H . -1.98 -8.41 -6.43
ZN ZN I . -0.50 -11.02 -4.61
#